data_9B5A
#
_entry.id   9B5A
#
_cell.length_a   1.00
_cell.length_b   1.00
_cell.length_c   1.00
_cell.angle_alpha   90.00
_cell.angle_beta   90.00
_cell.angle_gamma   90.00
#
_symmetry.space_group_name_H-M   'P 1'
#
loop_
_entity.id
_entity.type
_entity.pdbx_description
1 polymer 'Ubiquitin-conjugating enzyme E2 4'
2 polymer Ubiquitin
3 polymer 'E3 ubiquitin-protein ligase pub2'
4 non-polymer 4-aminobutanenitrile
#
loop_
_entity_poly.entity_id
_entity_poly.type
_entity_poly.pdbx_seq_one_letter_code
_entity_poly.pdbx_strand_id
1 'polypeptide(L)'
;MALKRINRELADLGKDPPSSSSAGPVGDDLFHWQATIMGPADSPYAGGVFFLSIHFPTDYPFKPPKVNFTTRIYHPNINS
NGSICLDILRDQWSPALTISKVLLSISSLLTDPNPDDPLVPEIAHVYKTDRSRYELSAREWTRKYAIGGLVPR
;
A
2 'polypeptide(L)' GSGGMQIFVKTLTGKTITLEVESSDTIDNVKSKIQDKEGIPPDQQRLIFAGKQLEDGRTLSDYNIQKESTLHLVLRLRG B
3 'polypeptide(L)'
;SHMDEYQRKIAYMYDRPEMAVNDAQLQLKVSRATTFEDAYDIISKLSVSDMKKKLLIRFRNEDGLDYGGVSREFFYILSH
AIFNPGYSLFEYATDDNYGLQISPLSSVNPDFRSYFRFVGRVMGLAIYHRRYLDVQFVLPFYKRILQKPLCLEDVKDVDE
VYYESLKWIKNNDVDESLCLNFSVEENRFGESVTVDLIPNGRNIAVNNQNKMNYLKALTEHKLVTSTEEQFNALKGGLNE
LIPDSVLQIFNENELDTLLNGKRDIDVQDWKRFTDYRSYTETDDIVIWFWELLSEWSPEKKAKLLQFATGTSRLPLSGFK
DMHGSDGPRKFTIEKVGHISQLPKAHTCFNRLDIPPYNSKEELEQKLTIAIQETAGFGTE
;
C
#
loop_
_chem_comp.id
_chem_comp.type
_chem_comp.name
_chem_comp.formula
A1AIV non-polymer 4-aminobutanenitrile 'C4 H8 N2'
#
# COMPACT_ATOMS: atom_id res chain seq x y z
N MET A 1 13.38 -16.82 9.31
CA MET A 1 13.33 -16.08 8.02
C MET A 1 13.76 -14.63 8.21
N ALA A 2 13.62 -14.13 9.45
CA ALA A 2 14.01 -12.77 9.77
C ALA A 2 15.36 -12.70 10.48
N LEU A 3 15.91 -13.83 10.91
CA LEU A 3 17.26 -13.81 11.47
C LEU A 3 18.19 -14.80 10.77
N LYS A 4 17.70 -16.00 10.44
CA LYS A 4 18.54 -16.96 9.73
C LYS A 4 18.89 -16.46 8.34
N ARG A 5 17.93 -15.88 7.63
CA ARG A 5 18.20 -15.33 6.30
C ARG A 5 19.21 -14.20 6.39
N ILE A 6 19.09 -13.34 7.39
CA ILE A 6 20.02 -12.23 7.55
C ILE A 6 21.42 -12.76 7.84
N ASN A 7 21.53 -13.76 8.72
CA ASN A 7 22.83 -14.34 9.00
C ASN A 7 23.43 -14.98 7.76
N ARG A 8 22.60 -15.67 6.97
CA ARG A 8 23.11 -16.30 5.75
C ARG A 8 23.63 -15.25 4.78
N GLU A 9 22.88 -14.16 4.59
CA GLU A 9 23.34 -13.11 3.67
C GLU A 9 24.62 -12.46 4.17
N LEU A 10 24.71 -12.21 5.49
CA LEU A 10 25.91 -11.61 6.04
C LEU A 10 27.12 -12.53 5.85
N ALA A 11 26.92 -13.83 6.07
CA ALA A 11 28.01 -14.78 5.85
C ALA A 11 28.42 -14.82 4.37
N ASP A 12 27.43 -14.79 3.47
CA ASP A 12 27.75 -14.80 2.05
C ASP A 12 28.56 -13.59 1.65
N LEU A 13 28.16 -12.41 2.12
CA LEU A 13 28.94 -11.20 1.83
C LEU A 13 30.29 -11.21 2.53
N GLY A 14 30.43 -11.97 3.62
CA GLY A 14 31.70 -12.07 4.29
C GLY A 14 32.70 -13.01 3.65
N LYS A 15 32.28 -13.77 2.64
CA LYS A 15 33.18 -14.72 1.97
C LYS A 15 33.95 -14.07 0.83
N ASP A 16 33.24 -13.46 -0.12
CA ASP A 16 33.86 -12.83 -1.27
C ASP A 16 33.85 -11.31 -1.10
N PRO A 17 34.99 -10.67 -0.87
CA PRO A 17 34.99 -9.21 -0.71
C PRO A 17 34.89 -8.52 -2.07
N PRO A 18 33.82 -7.77 -2.31
CA PRO A 18 33.71 -7.06 -3.59
C PRO A 18 34.79 -6.02 -3.81
N SER A 19 35.39 -5.51 -2.74
CA SER A 19 36.46 -4.51 -2.77
C SER A 19 36.00 -3.16 -3.30
N SER A 20 34.74 -3.02 -3.71
CA SER A 20 34.18 -1.75 -4.15
C SER A 20 32.90 -1.40 -3.42
N SER A 21 32.06 -2.39 -3.13
CA SER A 21 30.84 -2.21 -2.37
C SER A 21 30.91 -3.06 -1.11
N SER A 22 30.68 -2.45 0.05
CA SER A 22 30.79 -3.13 1.32
C SER A 22 29.56 -2.85 2.17
N ALA A 23 29.19 -3.84 3.00
CA ALA A 23 28.07 -3.71 3.91
C ALA A 23 28.49 -4.18 5.29
N GLY A 24 27.95 -3.53 6.32
CA GLY A 24 28.35 -3.84 7.67
C GLY A 24 27.24 -3.65 8.70
N PRO A 25 27.33 -4.36 9.83
CA PRO A 25 26.34 -4.18 10.90
C PRO A 25 26.66 -2.96 11.74
N VAL A 26 25.66 -2.10 11.94
CA VAL A 26 25.79 -0.92 12.78
C VAL A 26 25.75 -1.40 14.23
N GLY A 27 26.91 -1.48 14.86
CA GLY A 27 26.97 -2.01 16.21
C GLY A 27 26.55 -3.47 16.22
N ASP A 28 25.63 -3.81 17.13
CA ASP A 28 25.04 -5.15 17.21
C ASP A 28 23.53 -4.98 17.10
N ASP A 29 23.05 -4.90 15.85
CA ASP A 29 21.61 -4.85 15.59
C ASP A 29 21.42 -5.34 14.15
N LEU A 30 21.01 -6.59 14.00
CA LEU A 30 21.01 -7.21 12.69
C LEU A 30 19.99 -6.59 11.73
N PHE A 31 19.09 -5.75 12.22
CA PHE A 31 18.10 -5.10 11.37
C PHE A 31 18.45 -3.64 11.06
N HIS A 32 19.74 -3.33 10.99
CA HIS A 32 20.19 -1.98 10.67
C HIS A 32 21.62 -2.06 10.18
N TRP A 33 21.86 -1.73 8.93
CA TRP A 33 23.17 -1.91 8.32
C TRP A 33 23.62 -0.62 7.64
N GLN A 34 24.94 -0.50 7.47
CA GLN A 34 25.54 0.61 6.74
C GLN A 34 26.22 0.08 5.48
N ALA A 35 26.00 0.75 4.36
CA ALA A 35 26.53 0.35 3.07
C ALA A 35 27.47 1.43 2.55
N THR A 36 28.66 1.04 2.13
CA THR A 36 29.64 1.94 1.53
C THR A 36 29.80 1.58 0.07
N ILE A 37 29.61 2.57 -0.80
CA ILE A 37 29.65 2.37 -2.25
C ILE A 37 30.80 3.20 -2.80
N MET A 38 31.65 2.57 -3.61
CA MET A 38 32.67 3.29 -4.35
C MET A 38 32.06 3.87 -5.62
N GLY A 39 32.45 5.10 -5.95
CA GLY A 39 31.96 5.75 -7.14
C GLY A 39 32.39 5.01 -8.39
N PRO A 40 31.48 4.86 -9.36
CA PRO A 40 31.86 4.20 -10.62
C PRO A 40 32.98 4.95 -11.32
N ALA A 41 33.92 4.17 -11.88
CA ALA A 41 35.10 4.77 -12.49
C ALA A 41 34.75 5.56 -13.74
N ASP A 42 33.84 5.04 -14.57
CA ASP A 42 33.47 5.67 -15.82
C ASP A 42 32.31 6.64 -15.68
N SER A 43 32.13 7.22 -14.51
CA SER A 43 31.00 8.08 -14.19
C SER A 43 31.51 9.41 -13.64
N PRO A 44 30.72 10.47 -13.73
CA PRO A 44 31.13 11.74 -13.12
C PRO A 44 31.32 11.66 -11.62
N TYR A 45 30.77 10.64 -10.98
CA TYR A 45 30.96 10.42 -9.55
C TYR A 45 32.20 9.58 -9.26
N ALA A 46 33.16 9.56 -10.18
CA ALA A 46 34.37 8.77 -9.98
C ALA A 46 35.13 9.27 -8.76
N GLY A 47 35.57 8.34 -7.92
CA GLY A 47 36.32 8.68 -6.73
C GLY A 47 35.49 9.14 -5.56
N GLY A 48 34.16 9.17 -5.68
CA GLY A 48 33.30 9.62 -4.62
C GLY A 48 32.70 8.45 -3.88
N VAL A 49 33.04 8.34 -2.60
CA VAL A 49 32.49 7.29 -1.74
C VAL A 49 31.15 7.75 -1.20
N PHE A 50 30.21 6.82 -1.09
CA PHE A 50 28.86 7.13 -0.65
C PHE A 50 28.46 6.21 0.50
N PHE A 51 27.65 6.75 1.40
CA PHE A 51 27.14 6.02 2.56
C PHE A 51 25.63 5.86 2.46
N LEU A 52 25.14 4.70 2.90
CA LEU A 52 23.71 4.41 2.89
C LEU A 52 23.33 3.71 4.18
N SER A 53 22.13 3.99 4.67
CA SER A 53 21.55 3.30 5.81
C SER A 53 20.48 2.35 5.30
N ILE A 54 20.58 1.08 5.68
CA ILE A 54 19.67 0.03 5.22
C ILE A 54 18.90 -0.49 6.43
N HIS A 55 17.58 -0.42 6.36
CA HIS A 55 16.69 -0.94 7.38
C HIS A 55 16.03 -2.20 6.88
N PHE A 56 16.13 -3.28 7.66
CA PHE A 56 15.47 -4.53 7.34
C PHE A 56 14.15 -4.58 8.09
N PRO A 57 13.00 -4.56 7.42
CA PRO A 57 11.75 -4.81 8.13
C PRO A 57 11.71 -6.23 8.65
N THR A 58 10.94 -6.42 9.73
CA THR A 58 10.88 -7.72 10.38
C THR A 58 10.31 -8.80 9.46
N ASP A 59 9.55 -8.42 8.42
CA ASP A 59 8.95 -9.36 7.50
C ASP A 59 9.88 -9.74 6.35
N TYR A 60 11.17 -9.47 6.49
CA TYR A 60 12.12 -9.87 5.47
C TYR A 60 12.13 -11.40 5.36
N PRO A 61 12.19 -11.95 4.14
CA PRO A 61 12.33 -11.32 2.83
C PRO A 61 11.02 -10.94 2.16
N PHE A 62 9.88 -11.14 2.81
CA PHE A 62 8.62 -10.83 2.15
C PHE A 62 8.43 -9.34 1.93
N LYS A 63 9.09 -8.50 2.73
CA LYS A 63 9.05 -7.06 2.54
C LYS A 63 10.45 -6.50 2.32
N PRO A 64 10.63 -5.59 1.37
CA PRO A 64 11.96 -5.19 0.96
C PRO A 64 12.61 -4.28 2.00
N PRO A 65 13.94 -4.24 2.06
CA PRO A 65 14.60 -3.28 2.94
C PRO A 65 14.47 -1.87 2.40
N LYS A 66 14.75 -0.90 3.26
CA LYS A 66 14.69 0.51 2.90
C LYS A 66 16.10 1.08 2.98
N VAL A 67 16.57 1.65 1.87
CA VAL A 67 17.89 2.25 1.79
C VAL A 67 17.74 3.76 1.67
N ASN A 68 18.52 4.50 2.44
CA ASN A 68 18.50 5.96 2.40
C ASN A 68 19.92 6.47 2.31
N PHE A 69 20.15 7.42 1.41
CA PHE A 69 21.46 8.04 1.28
C PHE A 69 21.69 9.04 2.40
N THR A 70 22.96 9.34 2.64
CA THR A 70 23.37 10.38 3.58
C THR A 70 24.14 11.48 2.89
N THR A 71 25.15 11.13 2.09
CA THR A 71 25.91 12.14 1.37
C THR A 71 25.08 12.71 0.23
N ARG A 72 25.09 14.04 0.10
CA ARG A 72 24.36 14.69 -0.97
C ARG A 72 24.99 14.38 -2.32
N ILE A 73 24.16 14.41 -3.36
CA ILE A 73 24.62 14.16 -4.73
C ILE A 73 23.67 14.86 -5.69
N TYR A 74 24.23 15.60 -6.62
CA TYR A 74 23.44 16.32 -7.63
C TYR A 74 22.99 15.30 -8.67
N HIS A 75 21.94 14.56 -8.34
CA HIS A 75 21.41 13.51 -9.18
C HIS A 75 19.92 13.69 -9.40
N PRO A 76 19.40 13.29 -10.56
CA PRO A 76 17.97 13.39 -10.80
C PRO A 76 17.12 12.36 -10.07
N ASN A 77 17.73 11.57 -9.18
CA ASN A 77 16.98 10.55 -8.46
C ASN A 77 17.29 10.50 -6.97
N ILE A 78 18.07 11.45 -6.44
CA ILE A 78 18.44 11.47 -5.03
C ILE A 78 18.32 12.90 -4.55
N ASN A 79 17.29 13.19 -3.78
CA ASN A 79 17.09 14.54 -3.24
C ASN A 79 17.97 14.71 -2.00
N SER A 80 17.83 15.86 -1.33
CA SER A 80 18.64 16.12 -0.14
C SER A 80 18.32 15.15 0.99
N ASN A 81 17.11 14.60 1.01
CA ASN A 81 16.75 13.66 2.06
C ASN A 81 17.51 12.34 1.95
N GLY A 82 18.09 12.05 0.79
CA GLY A 82 18.77 10.79 0.59
C GLY A 82 17.87 9.64 0.22
N SER A 83 16.63 9.91 -0.19
CA SER A 83 15.72 8.85 -0.60
C SER A 83 16.12 8.30 -1.96
N ILE A 84 15.72 7.06 -2.20
CA ILE A 84 15.98 6.36 -3.46
C ILE A 84 14.67 5.76 -3.94
N CYS A 85 14.23 6.18 -5.14
CA CYS A 85 13.03 5.62 -5.77
C CYS A 85 13.50 4.58 -6.77
N LEU A 86 13.88 3.41 -6.25
CA LEU A 86 14.42 2.33 -7.05
C LEU A 86 13.36 1.26 -7.22
N ASP A 87 13.14 0.84 -8.47
CA ASP A 87 12.07 -0.12 -8.75
C ASP A 87 12.33 -1.47 -8.08
N ILE A 88 13.60 -1.83 -7.87
CA ILE A 88 13.90 -3.14 -7.32
C ILE A 88 13.43 -3.27 -5.88
N LEU A 89 13.17 -2.15 -5.20
CA LEU A 89 12.74 -2.19 -3.81
C LEU A 89 11.25 -1.90 -3.62
N ARG A 90 10.52 -1.72 -4.70
CA ARG A 90 9.08 -1.47 -4.58
C ARG A 90 8.28 -2.39 -5.50
N ASP A 91 8.76 -2.64 -6.71
CA ASP A 91 8.05 -3.45 -7.69
C ASP A 91 8.80 -4.72 -8.03
N GLN A 92 10.05 -4.60 -8.48
CA GLN A 92 10.82 -5.76 -8.93
C GLN A 92 11.56 -6.39 -7.76
N TRP A 93 10.78 -6.86 -6.79
CA TRP A 93 11.31 -7.48 -5.58
C TRP A 93 10.79 -8.90 -5.48
N SER A 94 11.71 -9.84 -5.28
CA SER A 94 11.41 -11.25 -5.08
C SER A 94 12.13 -11.74 -3.84
N PRO A 95 11.62 -12.78 -3.18
CA PRO A 95 12.27 -13.24 -1.94
C PRO A 95 13.72 -13.67 -2.13
N ALA A 96 14.15 -13.99 -3.34
CA ALA A 96 15.51 -14.46 -3.58
C ALA A 96 16.51 -13.32 -3.79
N LEU A 97 16.05 -12.09 -3.92
CA LEU A 97 16.94 -10.97 -4.18
C LEU A 97 17.66 -10.62 -2.89
N THR A 98 18.92 -11.03 -2.78
CA THR A 98 19.72 -10.72 -1.60
C THR A 98 20.04 -9.22 -1.58
N ILE A 99 20.76 -8.79 -0.54
CA ILE A 99 21.11 -7.38 -0.44
C ILE A 99 22.20 -7.01 -1.43
N SER A 100 22.97 -7.99 -1.92
CA SER A 100 24.00 -7.69 -2.90
C SER A 100 23.38 -7.16 -4.20
N LYS A 101 22.26 -7.75 -4.61
CA LYS A 101 21.59 -7.27 -5.81
C LYS A 101 21.16 -5.82 -5.65
N VAL A 102 20.75 -5.43 -4.45
CA VAL A 102 20.33 -4.04 -4.23
C VAL A 102 21.51 -3.10 -4.41
N LEU A 103 22.66 -3.43 -3.84
CA LEU A 103 23.83 -2.58 -4.00
C LEU A 103 24.25 -2.50 -5.47
N LEU A 104 24.20 -3.63 -6.18
CA LEU A 104 24.56 -3.58 -7.60
C LEU A 104 23.57 -2.74 -8.39
N SER A 105 22.27 -2.82 -8.07
CA SER A 105 21.29 -2.00 -8.76
C SER A 105 21.53 -0.51 -8.49
N ILE A 106 21.87 -0.17 -7.24
CA ILE A 106 22.16 1.24 -6.94
C ILE A 106 23.39 1.70 -7.69
N SER A 107 24.40 0.83 -7.79
CA SER A 107 25.58 1.18 -8.58
C SER A 107 25.21 1.42 -10.03
N SER A 108 24.35 0.57 -10.58
CA SER A 108 23.90 0.78 -11.96
C SER A 108 23.18 2.11 -12.11
N LEU A 109 22.32 2.45 -11.15
CA LEU A 109 21.61 3.72 -11.21
C LEU A 109 22.58 4.89 -11.16
N LEU A 110 23.62 4.80 -10.34
CA LEU A 110 24.63 5.85 -10.30
C LEU A 110 25.33 5.98 -11.63
N THR A 111 25.71 4.85 -12.24
CA THR A 111 26.41 4.91 -13.52
C THR A 111 25.55 5.59 -14.58
N ASP A 112 24.31 5.14 -14.72
CA ASP A 112 23.42 5.57 -15.80
C ASP A 112 22.12 6.11 -15.21
N PRO A 113 22.04 7.42 -14.96
CA PRO A 113 20.81 7.99 -14.41
C PRO A 113 19.62 7.69 -15.31
N ASN A 114 18.48 7.39 -14.70
CA ASN A 114 17.29 7.01 -15.43
C ASN A 114 16.30 8.16 -15.42
N PRO A 115 16.06 8.83 -16.56
CA PRO A 115 15.13 9.96 -16.57
C PRO A 115 13.66 9.57 -16.52
N ASP A 116 13.34 8.28 -16.60
CA ASP A 116 11.94 7.86 -16.49
C ASP A 116 11.38 8.04 -15.10
N ASP A 117 12.22 8.30 -14.10
CA ASP A 117 11.79 8.44 -12.70
C ASP A 117 12.39 9.73 -12.14
N PRO A 118 11.90 10.89 -12.58
CA PRO A 118 12.50 12.17 -12.13
C PRO A 118 12.09 12.55 -10.70
N LEU A 119 12.79 11.97 -9.73
CA LEU A 119 12.57 12.36 -8.34
C LEU A 119 12.73 13.87 -8.18
N VAL A 120 13.75 14.44 -8.80
CA VAL A 120 13.88 15.90 -8.92
C VAL A 120 13.82 16.24 -10.41
N PRO A 121 12.65 16.58 -10.94
CA PRO A 121 12.53 16.77 -12.40
C PRO A 121 13.41 17.88 -12.94
N GLU A 122 13.80 18.86 -12.12
CA GLU A 122 14.64 19.94 -12.63
C GLU A 122 15.98 19.42 -13.10
N ILE A 123 16.66 18.64 -12.27
CA ILE A 123 17.97 18.12 -12.65
C ILE A 123 17.85 17.14 -13.82
N ALA A 124 16.77 16.35 -13.84
CA ALA A 124 16.57 15.43 -14.97
C ALA A 124 16.39 16.20 -16.27
N HIS A 125 15.61 17.28 -16.25
CA HIS A 125 15.45 18.10 -17.44
C HIS A 125 16.75 18.76 -17.85
N VAL A 126 17.53 19.23 -16.88
CA VAL A 126 18.82 19.83 -17.19
C VAL A 126 19.73 18.81 -17.86
N TYR A 127 19.75 17.58 -17.34
CA TYR A 127 20.55 16.53 -17.94
C TYR A 127 20.06 16.21 -19.35
N LYS A 128 18.75 16.15 -19.56
CA LYS A 128 18.21 15.86 -20.87
C LYS A 128 18.50 16.97 -21.87
N THR A 129 18.62 18.21 -21.39
CA THR A 129 18.82 19.37 -22.26
C THR A 129 20.28 19.80 -22.30
N ASP A 130 20.86 20.11 -21.14
CA ASP A 130 22.23 20.63 -21.04
C ASP A 130 23.09 19.54 -20.39
N ARG A 131 23.63 18.65 -21.22
CA ARG A 131 24.43 17.55 -20.69
C ARG A 131 25.71 18.05 -20.04
N SER A 132 26.40 18.99 -20.71
CA SER A 132 27.68 19.47 -20.19
C SER A 132 27.51 20.18 -18.86
N ARG A 133 26.50 21.04 -18.74
CA ARG A 133 26.26 21.73 -17.48
C ARG A 133 25.90 20.74 -16.38
N TYR A 134 25.07 19.75 -16.71
CA TYR A 134 24.69 18.75 -15.71
C TYR A 134 25.90 17.97 -15.21
N GLU A 135 26.76 17.54 -16.14
CA GLU A 135 27.94 16.79 -15.73
C GLU A 135 28.91 17.66 -14.93
N LEU A 136 29.07 18.92 -15.33
CA LEU A 136 29.92 19.84 -14.58
C LEU A 136 29.39 20.02 -13.16
N SER A 137 28.08 20.20 -13.02
CA SER A 137 27.50 20.35 -11.69
C SER A 137 27.70 19.08 -10.87
N ALA A 138 27.51 17.91 -11.48
CA ALA A 138 27.69 16.67 -10.75
C ALA A 138 29.12 16.51 -10.27
N ARG A 139 30.10 16.81 -11.13
CA ARG A 139 31.49 16.70 -10.72
C ARG A 139 31.85 17.71 -9.64
N GLU A 140 31.33 18.93 -9.74
CA GLU A 140 31.59 19.92 -8.70
C GLU A 140 31.01 19.46 -7.37
N TRP A 141 29.80 18.91 -7.38
CA TRP A 141 29.21 18.38 -6.16
C TRP A 141 30.04 17.25 -5.59
N THR A 142 30.51 16.35 -6.45
CA THR A 142 31.32 15.24 -5.98
C THR A 142 32.61 15.73 -5.34
N ARG A 143 33.24 16.73 -5.97
CA ARG A 143 34.47 17.28 -5.41
C ARG A 143 34.22 17.96 -4.07
N LYS A 144 33.11 18.70 -3.96
CA LYS A 144 32.88 19.48 -2.74
C LYS A 144 32.45 18.59 -1.59
N TYR A 145 31.56 17.62 -1.84
CA TYR A 145 30.91 16.87 -0.77
C TYR A 145 31.54 15.52 -0.51
N ALA A 146 31.75 14.71 -1.54
CA ALA A 146 32.26 13.35 -1.33
C ALA A 146 33.65 13.38 -0.74
N ILE A 147 34.49 14.31 -1.19
CA ILE A 147 35.85 14.42 -0.70
C ILE A 147 35.84 14.86 0.77
N MET B 5 4.86 -21.50 -37.47
CA MET B 5 5.08 -22.31 -36.24
C MET B 5 4.12 -21.90 -35.13
N GLN B 6 4.31 -22.46 -33.95
CA GLN B 6 3.50 -22.15 -32.78
C GLN B 6 4.41 -21.85 -31.60
N ILE B 7 4.05 -20.82 -30.83
CA ILE B 7 4.77 -20.44 -29.63
C ILE B 7 3.78 -20.29 -28.49
N PHE B 8 4.31 -20.26 -27.27
CA PHE B 8 3.50 -20.12 -26.07
C PHE B 8 4.02 -18.96 -25.24
N VAL B 9 3.09 -18.18 -24.68
CA VAL B 9 3.42 -17.02 -23.85
C VAL B 9 2.71 -17.18 -22.52
N LYS B 10 3.46 -17.03 -21.43
CA LYS B 10 2.94 -17.08 -20.08
C LYS B 10 2.91 -15.67 -19.49
N THR B 11 1.76 -15.28 -18.97
CA THR B 11 1.63 -13.95 -18.39
C THR B 11 2.13 -13.95 -16.94
N LEU B 12 2.03 -12.80 -16.29
CA LEU B 12 2.39 -12.71 -14.88
C LEU B 12 1.46 -13.56 -14.01
N THR B 13 0.25 -13.83 -14.49
CA THR B 13 -0.70 -14.66 -13.77
C THR B 13 -0.58 -16.13 -14.10
N GLY B 14 0.36 -16.50 -14.97
CA GLY B 14 0.55 -17.88 -15.36
C GLY B 14 -0.30 -18.36 -16.51
N LYS B 15 -1.13 -17.48 -17.08
CA LYS B 15 -1.97 -17.88 -18.20
C LYS B 15 -1.11 -18.20 -19.42
N THR B 16 -1.39 -19.32 -20.07
CA THR B 16 -0.66 -19.76 -21.25
C THR B 16 -1.48 -19.46 -22.49
N ILE B 17 -0.88 -18.75 -23.43
CA ILE B 17 -1.52 -18.33 -24.67
C ILE B 17 -0.71 -18.86 -25.84
N THR B 18 -1.39 -19.51 -26.78
CA THR B 18 -0.75 -20.08 -27.96
C THR B 18 -0.85 -19.09 -29.12
N LEU B 19 0.28 -18.80 -29.76
CA LEU B 19 0.35 -17.87 -30.87
C LEU B 19 0.90 -18.59 -32.09
N GLU B 20 0.18 -18.49 -33.21
CA GLU B 20 0.62 -19.08 -34.48
C GLU B 20 1.46 -18.04 -35.21
N VAL B 21 2.77 -18.15 -35.11
CA VAL B 21 3.68 -17.17 -35.69
C VAL B 21 4.72 -17.89 -36.55
N GLU B 22 5.69 -17.15 -37.07
CA GLU B 22 6.78 -17.70 -37.84
C GLU B 22 8.10 -17.13 -37.33
N SER B 23 9.19 -17.82 -37.65
CA SER B 23 10.51 -17.38 -37.21
C SER B 23 10.86 -16.02 -37.80
N SER B 24 10.50 -15.78 -39.06
CA SER B 24 10.78 -14.51 -39.71
C SER B 24 9.78 -13.42 -39.33
N ASP B 25 8.72 -13.75 -38.59
CA ASP B 25 7.75 -12.74 -38.19
C ASP B 25 8.41 -11.68 -37.31
N THR B 26 8.02 -10.43 -37.54
CA THR B 26 8.61 -9.33 -36.81
C THR B 26 8.12 -9.30 -35.36
N ILE B 27 8.85 -8.58 -34.52
CA ILE B 27 8.40 -8.38 -33.14
C ILE B 27 7.09 -7.60 -33.14
N ASP B 28 6.96 -6.64 -34.06
CA ASP B 28 5.72 -5.88 -34.15
C ASP B 28 4.55 -6.79 -34.52
N ASN B 29 4.78 -7.78 -35.39
CA ASN B 29 3.72 -8.70 -35.75
C ASN B 29 3.23 -9.49 -34.55
N VAL B 30 4.15 -10.01 -33.73
CA VAL B 30 3.75 -10.77 -32.55
C VAL B 30 3.07 -9.87 -31.53
N LYS B 31 3.58 -8.65 -31.38
CA LYS B 31 2.94 -7.71 -30.47
C LYS B 31 1.51 -7.39 -30.92
N SER B 32 1.32 -7.20 -32.22
CA SER B 32 -0.03 -6.96 -32.74
C SER B 32 -0.92 -8.18 -32.51
N LYS B 33 -0.38 -9.38 -32.70
CA LYS B 33 -1.15 -10.59 -32.44
C LYS B 33 -1.59 -10.66 -30.97
N ILE B 34 -0.67 -10.36 -30.05
CA ILE B 34 -1.01 -10.40 -28.63
C ILE B 34 -2.03 -9.32 -28.29
N GLN B 35 -1.89 -8.13 -28.89
CA GLN B 35 -2.86 -7.07 -28.65
C GLN B 35 -4.24 -7.49 -29.15
N ASP B 36 -4.31 -8.11 -30.33
CA ASP B 36 -5.60 -8.54 -30.86
C ASP B 36 -6.20 -9.63 -30.00
N LYS B 37 -5.39 -10.58 -29.53
CA LYS B 37 -5.91 -11.70 -28.75
C LYS B 37 -6.19 -11.35 -27.30
N GLU B 38 -5.64 -10.25 -26.80
CA GLU B 38 -5.81 -9.91 -25.38
C GLU B 38 -6.32 -8.49 -25.16
N GLY B 39 -5.91 -7.53 -25.98
CA GLY B 39 -6.30 -6.15 -25.81
C GLY B 39 -5.26 -5.25 -25.20
N ILE B 40 -4.18 -5.81 -24.67
CA ILE B 40 -3.13 -4.98 -24.05
C ILE B 40 -2.36 -4.26 -25.16
N PRO B 41 -2.03 -2.97 -24.99
CA PRO B 41 -1.28 -2.27 -26.02
C PRO B 41 0.07 -2.91 -26.24
N PRO B 42 0.57 -2.91 -27.49
CA PRO B 42 1.86 -3.56 -27.76
C PRO B 42 3.03 -2.97 -26.98
N ASP B 43 3.03 -1.67 -26.74
CA ASP B 43 4.15 -1.05 -26.05
C ASP B 43 4.23 -1.49 -24.59
N GLN B 44 3.08 -1.62 -23.92
CA GLN B 44 3.09 -2.05 -22.53
C GLN B 44 3.61 -3.48 -22.39
N GLN B 45 3.22 -4.37 -23.30
CA GLN B 45 3.69 -5.75 -23.25
C GLN B 45 5.19 -5.81 -23.55
N ARG B 46 5.91 -6.62 -22.78
CA ARG B 46 7.30 -6.94 -23.08
C ARG B 46 7.51 -8.44 -22.91
N LEU B 47 8.13 -9.06 -23.88
CA LEU B 47 8.32 -10.52 -23.90
C LEU B 47 9.76 -10.85 -23.56
N ILE B 48 9.93 -11.67 -22.54
CA ILE B 48 11.24 -12.16 -22.11
C ILE B 48 11.40 -13.58 -22.64
N PHE B 49 12.52 -13.83 -23.32
CA PHE B 49 12.81 -15.14 -23.89
C PHE B 49 14.31 -15.36 -23.85
N ALA B 50 14.75 -16.35 -23.07
CA ALA B 50 16.17 -16.68 -22.96
C ALA B 50 16.99 -15.46 -22.55
N GLY B 51 16.44 -14.67 -21.62
CA GLY B 51 17.11 -13.48 -21.16
C GLY B 51 17.09 -12.31 -22.12
N LYS B 52 16.32 -12.39 -23.20
CA LYS B 52 16.25 -11.34 -24.21
C LYS B 52 14.88 -10.69 -24.19
N GLN B 53 14.86 -9.37 -24.26
CA GLN B 53 13.62 -8.60 -24.30
C GLN B 53 13.33 -8.21 -25.75
N LEU B 54 12.16 -8.61 -26.24
CA LEU B 54 11.78 -8.28 -27.60
C LEU B 54 11.51 -6.79 -27.74
N GLU B 55 12.04 -6.20 -28.82
CA GLU B 55 11.91 -4.78 -29.08
C GLU B 55 11.38 -4.55 -30.49
N ASP B 56 10.68 -3.43 -30.67
CA ASP B 56 10.11 -3.11 -31.96
C ASP B 56 11.22 -2.89 -33.00
N GLY B 57 10.93 -3.29 -34.24
CA GLY B 57 11.89 -3.17 -35.32
C GLY B 57 12.73 -4.40 -35.58
N ARG B 58 12.50 -5.49 -34.87
CA ARG B 58 13.26 -6.73 -35.03
C ARG B 58 12.29 -7.87 -35.34
N THR B 59 12.86 -9.07 -35.49
CA THR B 59 12.08 -10.26 -35.81
C THR B 59 12.34 -11.35 -34.77
N LEU B 60 11.51 -12.39 -34.82
CA LEU B 60 11.69 -13.53 -33.93
C LEU B 60 13.00 -14.25 -34.22
N SER B 61 13.36 -14.35 -35.49
CA SER B 61 14.63 -14.99 -35.85
C SER B 61 15.81 -14.22 -35.27
N ASP B 62 15.65 -12.92 -35.05
CA ASP B 62 16.70 -12.15 -34.40
C ASP B 62 16.92 -12.61 -32.96
N TYR B 63 15.86 -13.10 -32.31
CA TYR B 63 15.92 -13.56 -30.93
C TYR B 63 16.01 -15.08 -30.83
N ASN B 64 16.27 -15.77 -31.94
CA ASN B 64 16.44 -17.21 -31.97
C ASN B 64 15.21 -17.92 -31.41
N ILE B 65 14.03 -17.38 -31.71
CA ILE B 65 12.79 -18.01 -31.30
C ILE B 65 12.48 -19.15 -32.28
N GLN B 66 12.22 -20.32 -31.73
CA GLN B 66 12.03 -21.55 -32.51
C GLN B 66 10.68 -22.17 -32.17
N LYS B 67 10.49 -23.40 -32.64
CA LYS B 67 9.21 -24.08 -32.44
C LYS B 67 8.90 -24.25 -30.96
N GLU B 68 7.66 -23.96 -30.59
CA GLU B 68 7.16 -24.12 -29.22
C GLU B 68 8.02 -23.32 -28.23
N SER B 69 8.43 -22.12 -28.63
CA SER B 69 9.18 -21.26 -27.74
C SER B 69 8.28 -20.71 -26.64
N THR B 70 8.82 -20.62 -25.43
CA THR B 70 8.09 -20.11 -24.28
C THR B 70 8.59 -18.71 -23.97
N LEU B 71 7.66 -17.76 -23.90
CA LEU B 71 7.95 -16.36 -23.62
C LEU B 71 7.22 -15.96 -22.35
N HIS B 72 7.71 -14.89 -21.71
CA HIS B 72 7.09 -14.37 -20.49
C HIS B 72 6.66 -12.93 -20.70
N LEU B 73 5.49 -12.57 -20.18
CA LEU B 73 4.93 -11.24 -20.33
C LEU B 73 5.24 -10.40 -19.10
N VAL B 74 5.76 -9.19 -19.33
CA VAL B 74 6.08 -8.24 -18.26
C VAL B 74 5.71 -6.84 -18.73
N LEU B 75 5.78 -5.90 -17.78
CA LEU B 75 5.48 -4.50 -18.01
C LEU B 75 6.79 -3.72 -18.15
N ARG B 76 6.68 -2.39 -18.24
CA ARG B 76 7.85 -1.55 -18.51
C ARG B 76 8.18 -0.60 -17.36
N LEU B 77 7.25 0.25 -16.92
CA LEU B 77 7.62 1.35 -16.04
C LEU B 77 6.50 1.63 -15.05
N ARG B 78 6.92 2.06 -13.85
CA ARG B 78 6.00 2.52 -12.82
C ARG B 78 6.72 3.58 -11.98
N GLY B 79 5.92 4.39 -11.30
CA GLY B 79 6.46 5.41 -10.42
C GLY B 79 6.86 4.85 -9.07
N SER C 1 -30.96 -5.02 -8.54
CA SER C 1 -29.53 -4.85 -8.72
C SER C 1 -28.79 -4.99 -7.40
N HIS C 2 -27.48 -4.73 -7.41
CA HIS C 2 -26.69 -4.80 -6.19
C HIS C 2 -27.17 -3.80 -5.16
N MET C 3 -27.45 -2.57 -5.59
CA MET C 3 -27.90 -1.54 -4.65
C MET C 3 -29.30 -1.82 -4.15
N ASP C 4 -30.21 -2.23 -5.04
CA ASP C 4 -31.57 -2.56 -4.62
C ASP C 4 -31.57 -3.75 -3.67
N GLU C 5 -30.77 -4.77 -3.98
CA GLU C 5 -30.66 -5.91 -3.08
C GLU C 5 -30.08 -5.49 -1.73
N TYR C 6 -29.13 -4.56 -1.74
CA TYR C 6 -28.58 -4.05 -0.49
C TYR C 6 -29.65 -3.36 0.33
N GLN C 7 -30.48 -2.53 -0.31
CA GLN C 7 -31.56 -1.87 0.40
C GLN C 7 -32.56 -2.88 0.97
N ARG C 8 -32.88 -3.91 0.20
CA ARG C 8 -33.76 -4.95 0.70
C ARG C 8 -33.15 -5.64 1.91
N LYS C 9 -31.86 -5.93 1.86
CA LYS C 9 -31.19 -6.56 3.00
C LYS C 9 -31.24 -5.67 4.23
N ILE C 10 -30.98 -4.38 4.05
CA ILE C 10 -31.01 -3.46 5.19
C ILE C 10 -32.42 -3.39 5.78
N ALA C 11 -33.43 -3.29 4.91
CA ALA C 11 -34.80 -3.23 5.40
C ALA C 11 -35.16 -4.49 6.18
N TYR C 12 -34.80 -5.66 5.65
CA TYR C 12 -35.11 -6.90 6.34
C TYR C 12 -34.38 -6.99 7.67
N MET C 13 -33.10 -6.58 7.70
CA MET C 13 -32.34 -6.65 8.93
C MET C 13 -32.94 -5.77 10.01
N TYR C 14 -33.18 -4.49 9.69
CA TYR C 14 -33.72 -3.59 10.70
C TYR C 14 -35.20 -3.84 10.97
N ASP C 15 -35.87 -4.67 10.17
CA ASP C 15 -37.25 -5.01 10.44
C ASP C 15 -37.39 -6.24 11.33
N ARG C 16 -36.30 -6.93 11.66
CA ARG C 16 -36.37 -8.11 12.49
C ARG C 16 -36.82 -7.72 13.91
N PRO C 17 -37.63 -8.55 14.56
CA PRO C 17 -38.05 -8.23 15.93
C PRO C 17 -36.91 -8.22 16.93
N GLU C 18 -35.79 -8.86 16.62
CA GLU C 18 -34.67 -8.96 17.54
C GLU C 18 -33.76 -7.74 17.50
N MET C 19 -34.03 -6.77 16.64
CA MET C 19 -33.27 -5.52 16.57
C MET C 19 -34.21 -4.33 16.50
N ALA C 20 -35.23 -4.33 17.35
CA ALA C 20 -36.18 -3.22 17.43
C ALA C 20 -35.93 -2.45 18.72
N VAL C 21 -35.80 -1.13 18.59
CA VAL C 21 -35.54 -0.27 19.74
C VAL C 21 -36.79 -0.16 20.58
N ASN C 22 -36.66 0.39 21.79
CA ASN C 22 -37.79 0.61 22.68
C ASN C 22 -38.11 2.09 22.76
N ASP C 23 -39.14 2.43 23.53
CA ASP C 23 -39.60 3.81 23.66
C ASP C 23 -38.93 4.56 24.80
N ALA C 24 -38.05 3.92 25.56
CA ALA C 24 -37.33 4.60 26.62
C ALA C 24 -36.08 5.29 26.07
N GLN C 25 -35.75 6.43 26.65
CA GLN C 25 -34.64 7.25 26.21
C GLN C 25 -33.48 7.14 27.19
N LEU C 26 -32.30 6.85 26.68
CA LEU C 26 -31.08 6.81 27.47
C LEU C 26 -30.30 8.09 27.20
N GLN C 27 -29.99 8.82 28.27
CA GLN C 27 -29.27 10.09 28.18
C GLN C 27 -27.84 9.90 28.63
N LEU C 28 -26.89 10.30 27.78
CA LEU C 28 -25.46 10.18 28.05
C LEU C 28 -24.81 11.53 27.86
N LYS C 29 -24.02 11.95 28.86
CA LYS C 29 -23.35 13.24 28.86
C LYS C 29 -21.85 13.03 28.76
N VAL C 30 -21.23 13.65 27.76
CA VAL C 30 -19.77 13.60 27.57
C VAL C 30 -19.27 15.01 27.31
N SER C 31 -17.97 15.18 27.50
CA SER C 31 -17.29 16.45 27.21
C SER C 31 -16.57 16.33 25.87
N ARG C 32 -16.64 17.40 25.08
CA ARG C 32 -16.07 17.36 23.74
C ARG C 32 -14.55 17.14 23.79
N ALA C 33 -13.88 17.76 24.75
CA ALA C 33 -12.43 17.59 24.85
C ALA C 33 -12.06 16.16 25.18
N THR C 34 -12.79 15.54 26.12
CA THR C 34 -12.52 14.17 26.56
C THR C 34 -13.72 13.31 26.17
N THR C 35 -13.60 12.62 25.03
CA THR C 35 -14.69 11.79 24.53
C THR C 35 -14.42 10.30 24.74
N PHE C 36 -13.22 9.83 24.44
CA PHE C 36 -12.92 8.42 24.58
C PHE C 36 -13.03 7.97 26.04
N GLU C 37 -12.52 8.78 26.97
CA GLU C 37 -12.59 8.39 28.37
C GLU C 37 -14.03 8.32 28.85
N ASP C 38 -14.85 9.30 28.49
CA ASP C 38 -16.26 9.29 28.90
C ASP C 38 -17.00 8.11 28.28
N ALA C 39 -16.74 7.83 27.01
CA ALA C 39 -17.41 6.71 26.36
C ALA C 39 -17.02 5.39 27.03
N TYR C 40 -15.74 5.21 27.35
CA TYR C 40 -15.33 3.99 28.02
C TYR C 40 -15.90 3.90 29.42
N ASP C 41 -16.03 5.04 30.10
CA ASP C 41 -16.60 5.02 31.45
C ASP C 41 -18.07 4.64 31.42
N ILE C 42 -18.82 5.11 30.43
CA ILE C 42 -20.27 4.93 30.45
C ILE C 42 -20.69 3.66 29.74
N ILE C 43 -20.30 3.53 28.46
CA ILE C 43 -20.78 2.42 27.65
C ILE C 43 -20.31 1.09 28.22
N SER C 44 -19.07 1.02 28.67
CA SER C 44 -18.56 -0.25 29.18
C SER C 44 -19.15 -0.62 30.54
N LYS C 45 -20.17 0.07 31.02
CA LYS C 45 -20.83 -0.29 32.28
C LYS C 45 -22.34 -0.25 32.15
N LEU C 46 -22.86 -0.50 30.96
CA LEU C 46 -24.30 -0.51 30.72
C LEU C 46 -24.81 -1.94 30.65
N SER C 47 -26.07 -2.10 30.29
CA SER C 47 -26.69 -3.41 30.13
C SER C 47 -27.11 -3.61 28.68
N VAL C 48 -27.25 -4.87 28.31
CA VAL C 48 -27.70 -5.20 26.96
C VAL C 48 -29.08 -4.61 26.70
N SER C 49 -29.97 -4.69 27.69
CA SER C 49 -31.28 -4.07 27.54
C SER C 49 -31.17 -2.55 27.47
N ASP C 50 -30.25 -1.97 28.25
CA ASP C 50 -30.11 -0.52 28.26
C ASP C 50 -29.68 0.01 26.91
N MET C 51 -28.70 -0.65 26.27
CA MET C 51 -28.20 -0.15 25.00
C MET C 51 -29.23 -0.23 23.89
N LYS C 52 -30.24 -1.07 24.03
CA LYS C 52 -31.25 -1.23 22.99
C LYS C 52 -32.29 -0.12 22.98
N LYS C 53 -32.34 0.70 24.03
CA LYS C 53 -33.33 1.77 24.08
C LYS C 53 -32.88 2.94 23.22
N LYS C 54 -33.76 3.93 23.07
CA LYS C 54 -33.42 5.12 22.30
C LYS C 54 -32.25 5.86 22.93
N LEU C 55 -31.30 6.25 22.10
CA LEU C 55 -30.06 6.88 22.55
C LEU C 55 -30.14 8.38 22.32
N LEU C 56 -29.93 9.16 23.39
CA LEU C 56 -29.89 10.61 23.32
C LEU C 56 -28.57 11.07 23.93
N ILE C 57 -27.79 11.81 23.17
CA ILE C 57 -26.44 12.20 23.57
C ILE C 57 -26.35 13.72 23.54
N ARG C 58 -25.86 14.30 24.64
CA ARG C 58 -25.68 15.75 24.76
C ARG C 58 -24.26 16.03 25.19
N PHE C 59 -23.54 16.85 24.42
CA PHE C 59 -22.23 17.30 24.84
C PHE C 59 -22.37 18.24 26.02
N ARG C 60 -21.46 18.10 26.98
CA ARG C 60 -21.50 18.95 28.17
C ARG C 60 -21.16 20.39 27.80
N ASN C 61 -21.92 21.32 28.38
CA ASN C 61 -21.74 22.75 28.15
C ASN C 61 -21.92 23.14 26.70
N GLU C 62 -22.61 22.31 25.91
CA GLU C 62 -22.93 22.61 24.51
C GLU C 62 -24.41 22.28 24.31
N ASP C 63 -25.28 23.25 24.56
CA ASP C 63 -26.71 23.08 24.42
C ASP C 63 -27.15 23.60 23.06
N GLY C 64 -27.89 22.79 22.32
CA GLY C 64 -28.34 23.18 21.00
C GLY C 64 -29.43 22.26 20.51
N LEU C 65 -29.95 22.59 19.34
CA LEU C 65 -31.02 21.84 18.71
C LEU C 65 -30.44 20.76 17.79
N ASP C 66 -31.28 20.17 16.96
CA ASP C 66 -30.91 19.13 16.00
C ASP C 66 -29.99 18.09 16.64
N TYR C 67 -30.54 17.39 17.63
CA TYR C 67 -29.78 16.39 18.36
C TYR C 67 -29.26 15.28 17.44
N GLY C 68 -29.88 15.08 16.28
CA GLY C 68 -29.35 14.11 15.33
C GLY C 68 -27.94 14.47 14.88
N GLY C 69 -27.73 15.73 14.51
CA GLY C 69 -26.39 16.15 14.11
C GLY C 69 -25.39 16.06 15.24
N VAL C 70 -25.84 16.37 16.45
CA VAL C 70 -24.95 16.28 17.61
C VAL C 70 -24.52 14.83 17.83
N SER C 71 -25.47 13.90 17.75
CA SER C 71 -25.12 12.49 17.91
C SER C 71 -24.20 12.02 16.79
N ARG C 72 -24.44 12.48 15.56
CA ARG C 72 -23.58 12.10 14.45
CA ARG C 72 -23.57 12.09 14.45
C ARG C 72 -22.16 12.59 14.68
N GLU C 73 -22.00 13.84 15.14
CA GLU C 73 -20.67 14.36 15.42
C GLU C 73 -20.03 13.59 16.56
N PHE C 74 -20.82 13.20 17.56
CA PHE C 74 -20.27 12.41 18.66
C PHE C 74 -19.73 11.08 18.16
N PHE C 75 -20.49 10.40 17.30
CA PHE C 75 -20.03 9.12 16.78
C PHE C 75 -18.79 9.31 15.91
N TYR C 76 -18.75 10.38 15.13
CA TYR C 76 -17.57 10.65 14.30
C TYR C 76 -16.33 10.86 15.17
N ILE C 77 -16.47 11.67 16.21
CA ILE C 77 -15.33 11.95 17.08
C ILE C 77 -14.89 10.69 17.81
N LEU C 78 -15.85 9.91 18.33
CA LEU C 78 -15.49 8.69 19.05
C LEU C 78 -14.80 7.69 18.12
N SER C 79 -15.29 7.57 16.88
CA SER C 79 -14.64 6.68 15.93
C SER C 79 -13.22 7.13 15.64
N HIS C 80 -13.03 8.44 15.41
CA HIS C 80 -11.67 8.92 15.17
C HIS C 80 -10.80 8.84 16.41
N ALA C 81 -11.40 8.66 17.59
CA ALA C 81 -10.63 8.54 18.82
C ALA C 81 -10.18 7.10 19.08
N ILE C 82 -11.12 6.16 19.14
CA ILE C 82 -10.77 4.79 19.53
C ILE C 82 -9.90 4.13 18.47
N PHE C 83 -10.15 4.43 17.20
CA PHE C 83 -9.39 3.84 16.10
C PHE C 83 -8.13 4.62 15.76
N ASN C 84 -7.62 5.42 16.69
CA ASN C 84 -6.42 6.23 16.44
C ASN C 84 -5.18 5.38 16.72
N PRO C 85 -4.29 5.18 15.75
CA PRO C 85 -3.11 4.36 16.00
C PRO C 85 -2.23 4.88 17.12
N GLY C 86 -2.26 6.17 17.42
CA GLY C 86 -1.50 6.66 18.56
C GLY C 86 -1.92 6.03 19.86
N TYR C 87 -3.20 5.69 20.00
CA TYR C 87 -3.69 4.99 21.19
C TYR C 87 -3.23 3.54 21.23
N SER C 88 -2.64 3.03 20.15
CA SER C 88 -2.09 1.68 20.11
C SER C 88 -3.17 0.62 20.36
N LEU C 89 -4.29 0.77 19.66
CA LEU C 89 -5.31 -0.28 19.60
C LEU C 89 -5.43 -0.83 18.19
N PHE C 90 -5.55 0.03 17.18
CA PHE C 90 -5.60 -0.38 15.79
C PHE C 90 -4.43 0.25 15.05
N GLU C 91 -3.76 -0.56 14.23
CA GLU C 91 -2.56 -0.12 13.52
C GLU C 91 -2.80 -0.11 12.03
N TYR C 92 -2.08 0.76 11.33
CA TYR C 92 -2.12 0.77 9.88
C TYR C 92 -1.41 -0.47 9.33
N ALA C 93 -1.99 -1.05 8.28
CA ALA C 93 -1.37 -2.21 7.66
C ALA C 93 -0.01 -1.86 7.08
N THR C 94 0.05 -0.79 6.28
CA THR C 94 1.30 -0.24 5.79
C THR C 94 1.18 1.27 5.78
N ASP C 95 2.32 1.94 6.01
CA ASP C 95 2.31 3.39 6.09
C ASP C 95 1.91 4.02 4.76
N ASP C 96 2.41 3.48 3.64
CA ASP C 96 2.10 4.03 2.33
C ASP C 96 0.76 3.55 1.79
N ASN C 97 0.16 2.52 2.39
CA ASN C 97 -1.16 2.04 1.98
C ASN C 97 -2.00 1.92 3.25
N TYR C 98 -2.82 2.93 3.51
CA TYR C 98 -3.49 3.05 4.80
C TYR C 98 -4.62 2.03 4.92
N GLY C 99 -4.66 1.33 6.05
CA GLY C 99 -5.71 0.38 6.36
C GLY C 99 -5.62 -0.10 7.78
N LEU C 100 -6.74 -0.07 8.51
CA LEU C 100 -6.73 -0.38 9.93
C LEU C 100 -6.87 -1.88 10.16
N GLN C 101 -6.11 -2.39 11.13
CA GLN C 101 -6.22 -3.77 11.57
C GLN C 101 -5.90 -3.83 13.05
N ILE C 102 -6.28 -4.94 13.69
CA ILE C 102 -6.03 -5.07 15.12
C ILE C 102 -4.54 -5.14 15.37
N SER C 103 -4.06 -4.29 16.26
CA SER C 103 -2.62 -4.20 16.50
C SER C 103 -2.15 -5.40 17.32
N PRO C 104 -1.18 -6.18 16.84
CA PRO C 104 -0.67 -7.29 17.67
C PRO C 104 -0.01 -6.84 18.96
N LEU C 105 0.40 -5.57 19.06
CA LEU C 105 1.03 -5.08 20.27
C LEU C 105 0.02 -4.75 21.36
N SER C 106 -1.27 -4.76 21.05
CA SER C 106 -2.29 -4.41 22.04
C SER C 106 -2.26 -5.31 23.26
N SER C 107 -1.47 -6.38 23.25
CA SER C 107 -1.32 -7.22 24.44
C SER C 107 -0.54 -6.53 25.54
N VAL C 108 0.06 -5.37 25.27
CA VAL C 108 0.81 -4.67 26.31
C VAL C 108 -0.10 -4.23 27.44
N ASN C 109 -1.34 -3.85 27.12
CA ASN C 109 -2.27 -3.43 28.17
C ASN C 109 -2.54 -4.60 29.11
N PRO C 110 -2.64 -4.35 30.42
CA PRO C 110 -2.91 -5.46 31.35
C PRO C 110 -4.20 -6.20 31.03
N ASP C 111 -5.25 -5.48 30.62
CA ASP C 111 -6.51 -6.08 30.22
C ASP C 111 -6.96 -5.42 28.92
N PHE C 112 -6.47 -5.96 27.79
CA PHE C 112 -6.95 -5.50 26.50
C PHE C 112 -8.36 -5.98 26.22
N ARG C 113 -8.79 -7.07 26.87
CA ARG C 113 -10.11 -7.59 26.62
C ARG C 113 -11.19 -6.59 27.01
N SER C 114 -10.96 -5.84 28.08
CA SER C 114 -11.93 -4.82 28.48
C SER C 114 -12.12 -3.79 27.39
N TYR C 115 -11.02 -3.20 26.91
CA TYR C 115 -11.14 -2.17 25.88
C TYR C 115 -11.69 -2.72 24.59
N PHE C 116 -11.34 -3.97 24.24
CA PHE C 116 -11.84 -4.51 22.98
C PHE C 116 -13.31 -4.88 23.08
N ARG C 117 -13.79 -5.32 24.25
CA ARG C 117 -15.22 -5.46 24.43
C ARG C 117 -15.91 -4.11 24.33
N PHE C 118 -15.26 -3.06 24.85
CA PHE C 118 -15.81 -1.72 24.66
C PHE C 118 -15.90 -1.36 23.19
N VAL C 119 -14.87 -1.67 22.40
CA VAL C 119 -14.91 -1.38 20.98
C VAL C 119 -16.02 -2.17 20.30
N GLY C 120 -16.19 -3.43 20.67
CA GLY C 120 -17.28 -4.21 20.11
C GLY C 120 -18.64 -3.63 20.44
N ARG C 121 -18.81 -3.17 21.68
CA ARG C 121 -20.07 -2.52 22.05
C ARG C 121 -20.30 -1.27 21.23
N VAL C 122 -19.25 -0.47 21.02
CA VAL C 122 -19.41 0.76 20.23
C VAL C 122 -19.82 0.42 18.80
N MET C 123 -19.17 -0.57 18.19
CA MET C 123 -19.53 -0.92 16.82
C MET C 123 -20.95 -1.47 16.75
N GLY C 124 -21.34 -2.30 17.72
CA GLY C 124 -22.70 -2.81 17.72
C GLY C 124 -23.72 -1.72 17.91
N LEU C 125 -23.41 -0.73 18.74
CA LEU C 125 -24.31 0.41 18.91
C LEU C 125 -24.39 1.23 17.63
N ALA C 126 -23.27 1.39 16.93
CA ALA C 126 -23.27 2.14 15.68
C ALA C 126 -24.15 1.46 14.64
N ILE C 127 -24.05 0.13 14.52
CA ILE C 127 -24.89 -0.59 13.58
C ILE C 127 -26.34 -0.57 14.03
N TYR C 128 -26.58 -0.65 15.33
CA TYR C 128 -27.94 -0.76 15.86
C TYR C 128 -28.76 0.50 15.56
N HIS C 129 -28.17 1.68 15.75
CA HIS C 129 -28.91 2.93 15.70
C HIS C 129 -28.80 3.62 14.34
N ARG C 130 -28.38 2.89 13.31
CA ARG C 130 -28.27 3.46 11.96
C ARG C 130 -27.34 4.68 11.95
N ARG C 131 -26.26 4.60 12.70
CA ARG C 131 -25.27 5.65 12.75
C ARG C 131 -23.96 5.14 12.17
N TYR C 132 -23.23 6.02 11.49
CA TYR C 132 -22.04 5.64 10.73
C TYR C 132 -20.78 6.08 11.46
N LEU C 133 -19.90 5.12 11.72
CA LEU C 133 -18.50 5.45 11.93
C LEU C 133 -17.89 5.84 10.60
N ASP C 134 -16.66 6.34 10.62
CA ASP C 134 -15.99 6.75 9.39
C ASP C 134 -14.56 6.25 9.37
N VAL C 135 -14.37 4.96 9.68
CA VAL C 135 -13.08 4.30 9.60
C VAL C 135 -13.18 3.16 8.61
N GLN C 136 -12.16 2.99 7.78
CA GLN C 136 -12.16 2.01 6.71
C GLN C 136 -11.15 0.91 7.05
N PHE C 137 -11.65 -0.26 7.42
CA PHE C 137 -10.80 -1.39 7.78
C PHE C 137 -10.32 -2.09 6.52
N VAL C 138 -9.73 -3.26 6.69
CA VAL C 138 -9.30 -4.11 5.57
C VAL C 138 -10.34 -5.21 5.39
N LEU C 139 -10.48 -5.67 4.15
CA LEU C 139 -11.48 -6.69 3.85
C LEU C 139 -11.31 -7.97 4.65
N PRO C 140 -10.11 -8.50 4.89
CA PRO C 140 -10.01 -9.68 5.75
C PRO C 140 -10.68 -9.50 7.09
N PHE C 141 -10.68 -8.29 7.65
CA PHE C 141 -11.36 -8.06 8.91
C PHE C 141 -12.86 -8.32 8.77
N TYR C 142 -13.48 -7.75 7.73
CA TYR C 142 -14.90 -7.97 7.53
C TYR C 142 -15.19 -9.44 7.26
N LYS C 143 -14.30 -10.14 6.56
CA LYS C 143 -14.50 -11.56 6.36
C LYS C 143 -14.41 -12.32 7.68
N ARG C 144 -13.52 -11.90 8.57
CA ARG C 144 -13.44 -12.54 9.87
C ARG C 144 -14.72 -12.33 10.68
N ILE C 145 -15.28 -11.12 10.64
CA ILE C 145 -16.47 -10.86 11.45
C ILE C 145 -17.63 -11.74 11.00
N LEU C 146 -17.74 -12.00 9.70
CA LEU C 146 -18.79 -12.87 9.19
C LEU C 146 -18.45 -14.35 9.29
N GLN C 147 -17.28 -14.69 9.84
CA GLN C 147 -16.84 -16.08 9.99
C GLN C 147 -16.76 -16.77 8.62
N LYS C 148 -15.85 -16.27 7.78
CA LYS C 148 -15.60 -16.84 6.47
C LYS C 148 -14.15 -17.30 6.38
N PRO C 149 -13.86 -18.32 5.58
CA PRO C 149 -12.47 -18.74 5.42
C PRO C 149 -11.64 -17.67 4.74
N LEU C 150 -10.35 -17.65 5.07
CA LEU C 150 -9.41 -16.67 4.54
C LEU C 150 -8.42 -17.40 3.63
N CYS C 151 -8.53 -17.14 2.32
CA CYS C 151 -7.62 -17.73 1.35
C CYS C 151 -6.42 -16.80 1.15
N LEU C 152 -5.54 -17.18 0.22
CA LEU C 152 -4.31 -16.43 0.02
C LEU C 152 -4.59 -15.04 -0.54
N GLU C 153 -5.55 -14.94 -1.46
CA GLU C 153 -5.83 -13.65 -2.09
C GLU C 153 -6.22 -12.59 -1.06
N ASP C 154 -6.72 -13.00 0.10
CA ASP C 154 -7.11 -12.03 1.11
C ASP C 154 -5.93 -11.22 1.59
N VAL C 155 -4.71 -11.76 1.47
CA VAL C 155 -3.53 -11.00 1.88
C VAL C 155 -3.25 -9.82 0.96
N LYS C 156 -3.91 -9.76 -0.20
CA LYS C 156 -3.64 -8.67 -1.13
C LYS C 156 -4.01 -7.32 -0.54
N ASP C 157 -5.16 -7.25 0.14
CA ASP C 157 -5.57 -5.98 0.74
C ASP C 157 -4.71 -5.61 1.95
N VAL C 158 -4.25 -6.59 2.69
CA VAL C 158 -3.42 -6.31 3.87
C VAL C 158 -2.09 -5.68 3.44
N ASP C 159 -1.44 -6.25 2.43
CA ASP C 159 -0.15 -5.75 2.00
C ASP C 159 0.12 -6.25 0.58
N GLU C 160 0.39 -5.33 -0.34
CA GLU C 160 0.61 -5.71 -1.72
C GLU C 160 1.91 -6.47 -1.89
N VAL C 161 3.01 -5.95 -1.32
CA VAL C 161 4.31 -6.59 -1.50
C VAL C 161 4.31 -7.97 -0.84
N TYR C 162 3.65 -8.10 0.30
CA TYR C 162 3.55 -9.39 0.94
C TYR C 162 2.85 -10.40 0.04
N TYR C 163 1.75 -9.97 -0.59
CA TYR C 163 1.03 -10.86 -1.49
C TYR C 163 1.88 -11.24 -2.69
N GLU C 164 2.64 -10.29 -3.23
CA GLU C 164 3.49 -10.61 -4.36
C GLU C 164 4.58 -11.60 -3.97
N SER C 165 5.17 -11.44 -2.79
CA SER C 165 6.18 -12.39 -2.33
C SER C 165 5.57 -13.78 -2.16
N LEU C 166 4.38 -13.86 -1.57
CA LEU C 166 3.74 -15.16 -1.39
C LEU C 166 3.43 -15.80 -2.74
N LYS C 167 2.93 -15.02 -3.68
CA LYS C 167 2.61 -15.55 -4.99
C LYS C 167 3.87 -16.04 -5.70
N TRP C 168 4.97 -15.30 -5.56
CA TRP C 168 6.22 -15.77 -6.17
C TRP C 168 6.66 -17.09 -5.55
N ILE C 169 6.56 -17.21 -4.22
CA ILE C 169 6.96 -18.47 -3.59
C ILE C 169 6.10 -19.60 -4.11
N LYS C 170 4.80 -19.35 -4.27
CA LYS C 170 3.92 -20.41 -4.77
C LYS C 170 4.26 -20.80 -6.20
N ASN C 171 4.51 -19.82 -7.07
CA ASN C 171 4.72 -20.11 -8.48
C ASN C 171 6.04 -20.83 -8.73
N ASN C 172 7.14 -20.18 -8.39
CA ASN C 172 8.47 -20.71 -8.67
C ASN C 172 8.94 -21.59 -7.52
N ASP C 173 9.74 -22.59 -7.87
CA ASP C 173 10.29 -23.49 -6.86
C ASP C 173 11.23 -22.74 -5.93
N VAL C 174 11.32 -23.22 -4.70
CA VAL C 174 12.12 -22.57 -3.67
C VAL C 174 13.47 -23.27 -3.58
N ASP C 175 14.53 -22.48 -3.67
CA ASP C 175 15.88 -23.00 -3.57
C ASP C 175 16.23 -23.31 -2.12
N GLU C 176 17.23 -24.18 -1.93
CA GLU C 176 17.67 -24.53 -0.59
C GLU C 176 18.36 -23.37 0.11
N SER C 177 18.82 -22.36 -0.63
CA SER C 177 19.53 -21.24 -0.02
C SER C 177 18.59 -20.29 0.71
N LEU C 178 17.36 -20.15 0.24
CA LEU C 178 16.39 -19.26 0.90
C LEU C 178 16.03 -19.87 2.25
N CYS C 179 16.58 -19.31 3.32
CA CYS C 179 16.34 -19.84 4.66
C CYS C 179 14.93 -19.43 5.09
N LEU C 180 13.96 -20.17 4.58
CA LEU C 180 12.56 -20.01 4.95
C LEU C 180 12.07 -21.26 5.67
N ASN C 181 11.51 -21.08 6.86
CA ASN C 181 11.03 -22.20 7.65
C ASN C 181 9.84 -21.75 8.48
N PHE C 182 9.21 -22.70 9.15
CA PHE C 182 7.99 -22.45 9.92
C PHE C 182 8.37 -21.73 11.22
N SER C 183 8.69 -20.46 11.10
CA SER C 183 9.03 -19.64 12.27
C SER C 183 8.85 -18.18 11.90
N VAL C 184 7.92 -17.51 12.57
CA VAL C 184 7.64 -16.10 12.31
C VAL C 184 8.20 -15.28 13.47
N GLU C 185 8.94 -14.23 13.15
CA GLU C 185 9.52 -13.34 14.15
C GLU C 185 8.62 -12.13 14.31
N GLU C 186 8.10 -11.93 15.53
CA GLU C 186 7.25 -10.79 15.84
C GLU C 186 7.90 -9.97 16.94
N ASN C 187 7.97 -8.66 16.73
CA ASN C 187 8.57 -7.74 17.68
C ASN C 187 7.48 -6.99 18.44
N ARG C 188 7.53 -7.05 19.76
CA ARG C 188 6.56 -6.39 20.63
C ARG C 188 7.32 -5.49 21.60
N PHE C 189 7.43 -4.21 21.24
CA PHE C 189 8.10 -3.22 22.07
C PHE C 189 9.55 -3.62 22.34
N GLY C 190 10.33 -3.71 21.25
CA GLY C 190 11.73 -4.02 21.38
C GLY C 190 12.07 -5.49 21.23
N GLU C 191 11.50 -6.33 22.09
CA GLU C 191 11.83 -7.74 22.08
C GLU C 191 11.20 -8.44 20.89
N SER C 192 12.02 -9.17 20.13
CA SER C 192 11.57 -9.97 19.01
C SER C 192 11.55 -11.43 19.41
N VAL C 193 10.41 -12.09 19.22
CA VAL C 193 10.22 -13.46 19.66
C VAL C 193 9.82 -14.32 18.46
N THR C 194 10.18 -15.60 18.53
CA THR C 194 9.91 -16.56 17.48
C THR C 194 8.66 -17.35 17.82
N VAL C 195 7.74 -17.44 16.85
CA VAL C 195 6.51 -18.20 17.00
C VAL C 195 6.52 -19.32 15.97
N ASP C 196 6.19 -20.53 16.41
CA ASP C 196 6.21 -21.70 15.55
C ASP C 196 4.81 -21.90 14.96
N LEU C 197 4.74 -21.93 13.63
CA LEU C 197 3.46 -22.18 12.97
C LEU C 197 3.00 -23.62 13.18
N ILE C 198 3.94 -24.56 13.22
CA ILE C 198 3.65 -25.95 13.55
C ILE C 198 4.61 -26.39 14.65
N PRO C 199 4.26 -27.43 15.40
CA PRO C 199 5.15 -27.88 16.46
C PRO C 199 6.54 -28.22 15.92
N ASN C 200 7.56 -27.75 16.64
CA ASN C 200 8.94 -27.88 16.18
C ASN C 200 9.11 -27.34 14.77
N GLY C 201 8.45 -26.21 14.51
CA GLY C 201 8.46 -25.64 13.17
C GLY C 201 9.70 -24.85 12.81
N ARG C 202 10.55 -24.52 13.78
CA ARG C 202 11.73 -23.71 13.50
C ARG C 202 12.86 -24.51 12.87
N ASN C 203 12.74 -25.84 12.78
CA ASN C 203 13.79 -26.67 12.22
C ASN C 203 13.29 -27.51 11.03
N ILE C 204 12.27 -27.02 10.32
CA ILE C 204 11.74 -27.68 9.14
C ILE C 204 11.78 -26.66 8.00
N ALA C 205 12.87 -26.66 7.24
CA ALA C 205 13.00 -25.73 6.14
C ALA C 205 11.99 -26.06 5.05
N VAL C 206 11.56 -25.02 4.33
CA VAL C 206 10.61 -25.22 3.24
C VAL C 206 11.31 -25.85 2.06
N ASN C 207 10.53 -26.58 1.26
CA ASN C 207 11.01 -27.19 0.02
C ASN C 207 9.88 -27.15 -0.99
N ASN C 208 10.06 -27.86 -2.10
CA ASN C 208 9.02 -27.85 -3.14
C ASN C 208 7.73 -28.46 -2.62
N GLN C 209 7.83 -29.53 -1.84
CA GLN C 209 6.62 -30.18 -1.33
C GLN C 209 5.96 -29.37 -0.23
N ASN C 210 6.74 -28.72 0.63
CA ASN C 210 6.21 -28.08 1.81
C ASN C 210 5.68 -26.67 1.55
N LYS C 211 5.94 -26.08 0.39
CA LYS C 211 5.66 -24.66 0.24
C LYS C 211 4.18 -24.36 0.31
N MET C 212 3.32 -25.27 -0.16
CA MET C 212 1.88 -25.05 -0.04
C MET C 212 1.45 -24.97 1.42
N ASN C 213 1.91 -25.93 2.24
CA ASN C 213 1.57 -25.90 3.65
C ASN C 213 2.15 -24.68 4.34
N TYR C 214 3.38 -24.29 3.97
CA TYR C 214 3.97 -23.11 4.56
C TYR C 214 3.17 -21.86 4.24
N LEU C 215 2.73 -21.72 2.99
CA LEU C 215 1.91 -20.58 2.62
C LEU C 215 0.59 -20.58 3.41
N LYS C 216 -0.03 -21.74 3.54
CA LYS C 216 -1.27 -21.81 4.29
C LYS C 216 -1.05 -21.39 5.74
N ALA C 217 0.04 -21.88 6.35
CA ALA C 217 0.31 -21.54 7.74
C ALA C 217 0.62 -20.06 7.90
N LEU C 218 1.38 -19.48 6.98
CA LEU C 218 1.69 -18.06 7.08
C LEU C 218 0.44 -17.21 6.92
N THR C 219 -0.43 -17.54 5.96
CA THR C 219 -1.65 -16.76 5.81
C THR C 219 -2.49 -16.86 7.07
N GLU C 220 -2.64 -18.07 7.61
CA GLU C 220 -3.45 -18.25 8.81
C GLU C 220 -2.88 -17.48 9.98
N HIS C 221 -1.54 -17.49 10.14
CA HIS C 221 -0.94 -16.83 11.30
C HIS C 221 -0.97 -15.32 11.16
N LYS C 222 -0.78 -14.80 9.95
CA LYS C 222 -0.78 -13.36 9.79
C LYS C 222 -2.19 -12.78 9.85
N LEU C 223 -3.19 -13.52 9.38
CA LEU C 223 -4.53 -12.97 9.33
C LEU C 223 -5.38 -13.28 10.54
N VAL C 224 -5.15 -14.40 11.22
CA VAL C 224 -6.02 -14.79 12.32
C VAL C 224 -5.24 -14.99 13.62
N THR C 225 -4.34 -15.98 13.63
CA THR C 225 -3.80 -16.46 14.89
C THR C 225 -3.11 -15.36 15.68
N SER C 226 -2.58 -14.33 15.01
CA SER C 226 -1.95 -13.24 15.73
C SER C 226 -2.95 -12.53 16.64
N THR C 227 -4.09 -12.13 16.09
CA THR C 227 -5.11 -11.41 16.84
C THR C 227 -6.22 -12.38 17.21
N GLU C 228 -5.95 -13.23 18.20
CA GLU C 228 -6.91 -14.26 18.60
C GLU C 228 -7.77 -13.81 19.78
N GLU C 229 -7.15 -13.55 20.92
CA GLU C 229 -7.91 -13.17 22.11
C GLU C 229 -8.57 -11.81 21.93
N GLN C 230 -7.84 -10.86 21.36
CA GLN C 230 -8.37 -9.52 21.19
C GLN C 230 -9.58 -9.52 20.27
N PHE C 231 -9.48 -10.20 19.14
CA PHE C 231 -10.62 -10.26 18.24
C PHE C 231 -11.75 -11.09 18.82
N ASN C 232 -11.44 -12.10 19.63
CA ASN C 232 -12.52 -12.83 20.30
C ASN C 232 -13.30 -11.91 21.22
N ALA C 233 -12.59 -11.08 22.00
CA ALA C 233 -13.28 -10.13 22.86
C ALA C 233 -14.10 -9.13 22.05
N LEU C 234 -13.52 -8.64 20.95
CA LEU C 234 -14.24 -7.67 20.11
C LEU C 234 -15.50 -8.29 19.53
N LYS C 235 -15.41 -9.52 19.04
CA LYS C 235 -16.58 -10.17 18.46
C LYS C 235 -17.61 -10.53 19.52
N GLY C 236 -17.16 -10.87 20.73
CA GLY C 236 -18.11 -11.07 21.81
C GLY C 236 -18.89 -9.80 22.12
N GLY C 237 -18.18 -8.67 22.19
CA GLY C 237 -18.86 -7.41 22.41
C GLY C 237 -19.82 -7.08 21.29
N LEU C 238 -19.42 -7.32 20.05
CA LEU C 238 -20.27 -7.01 18.90
C LEU C 238 -21.52 -7.88 18.91
N ASN C 239 -21.37 -9.18 19.15
CA ASN C 239 -22.51 -10.08 19.18
C ASN C 239 -23.35 -9.93 20.45
N GLU C 240 -22.84 -9.22 21.46
CA GLU C 240 -23.64 -8.97 22.65
C GLU C 240 -24.91 -8.18 22.35
N LEU C 241 -24.96 -7.49 21.21
CA LEU C 241 -26.13 -6.72 20.81
C LEU C 241 -26.76 -7.24 19.52
N ILE C 242 -25.96 -7.49 18.49
CA ILE C 242 -26.45 -7.93 17.19
C ILE C 242 -26.29 -9.45 17.12
N PRO C 243 -27.37 -10.22 17.09
CA PRO C 243 -27.22 -11.67 16.96
C PRO C 243 -26.52 -12.04 15.67
N ASP C 244 -25.64 -13.03 15.75
CA ASP C 244 -24.81 -13.39 14.60
C ASP C 244 -25.67 -13.90 13.44
N SER C 245 -26.82 -14.50 13.74
CA SER C 245 -27.70 -14.97 12.68
C SER C 245 -28.18 -13.83 11.80
N VAL C 246 -28.09 -12.59 12.28
CA VAL C 246 -28.36 -11.43 11.44
C VAL C 246 -27.12 -10.97 10.69
N LEU C 247 -25.95 -11.05 11.34
CA LEU C 247 -24.74 -10.57 10.70
C LEU C 247 -24.37 -11.37 9.46
N GLN C 248 -24.72 -12.66 9.43
CA GLN C 248 -24.24 -13.56 8.38
C GLN C 248 -25.15 -13.60 7.17
N ILE C 249 -25.89 -12.52 6.90
CA ILE C 249 -26.65 -12.41 5.66
C ILE C 249 -26.05 -11.40 4.70
N PHE C 250 -24.90 -10.82 5.05
CA PHE C 250 -24.20 -9.87 4.20
C PHE C 250 -22.96 -10.52 3.60
N ASN C 251 -22.15 -9.70 2.93
CA ASN C 251 -20.85 -10.12 2.43
C ASN C 251 -19.79 -9.16 2.95
N GLU C 252 -18.56 -9.26 2.44
CA GLU C 252 -17.48 -8.46 2.97
C GLU C 252 -17.57 -6.98 2.59
N ASN C 253 -18.45 -6.60 1.68
CA ASN C 253 -18.60 -5.20 1.29
C ASN C 253 -19.93 -4.60 1.71
N GLU C 254 -21.01 -5.37 1.73
CA GLU C 254 -22.27 -4.83 2.23
C GLU C 254 -22.12 -4.41 3.69
N LEU C 255 -21.37 -5.18 4.48
CA LEU C 255 -21.15 -4.81 5.86
C LEU C 255 -20.33 -3.51 5.96
N ASP C 256 -19.35 -3.34 5.08
CA ASP C 256 -18.58 -2.11 5.09
C ASP C 256 -19.47 -0.91 4.77
N THR C 257 -20.34 -1.06 3.77
CA THR C 257 -21.27 0.02 3.44
C THR C 257 -22.24 0.28 4.58
N LEU C 258 -22.62 -0.77 5.31
CA LEU C 258 -23.51 -0.58 6.46
C LEU C 258 -22.81 0.16 7.59
N LEU C 259 -21.54 -0.11 7.82
CA LEU C 259 -20.81 0.57 8.88
C LEU C 259 -20.50 2.02 8.51
N ASN C 260 -19.73 2.21 7.45
CA ASN C 260 -19.21 3.53 7.13
C ASN C 260 -20.15 4.37 6.26
N GLY C 261 -21.21 3.80 5.73
CA GLY C 261 -22.06 4.53 4.81
C GLY C 261 -21.41 4.66 3.46
N LYS C 262 -22.10 5.35 2.55
CA LYS C 262 -21.57 5.55 1.21
C LYS C 262 -20.34 6.42 1.29
N ARG C 263 -19.18 5.84 1.01
CA ARG C 263 -17.91 6.52 1.20
C ARG C 263 -17.77 7.68 0.22
N ASP C 264 -17.08 8.73 0.67
CA ASP C 264 -16.81 9.89 -0.15
C ASP C 264 -15.49 10.51 0.27
N ILE C 265 -14.91 11.29 -0.63
CA ILE C 265 -13.63 11.97 -0.38
C ILE C 265 -13.89 13.46 -0.42
N ASP C 266 -13.55 14.14 0.68
CA ASP C 266 -13.81 15.57 0.77
C ASP C 266 -12.88 16.34 -0.17
N VAL C 267 -13.39 17.44 -0.70
CA VAL C 267 -12.65 18.26 -1.64
C VAL C 267 -12.06 19.50 -0.98
N GLN C 268 -12.80 20.13 -0.07
CA GLN C 268 -12.27 21.30 0.62
C GLN C 268 -11.04 20.95 1.43
N ASP C 269 -11.06 19.83 2.14
CA ASP C 269 -9.88 19.37 2.85
C ASP C 269 -8.75 19.08 1.88
N TRP C 270 -9.07 18.47 0.74
CA TRP C 270 -8.05 18.19 -0.27
C TRP C 270 -7.35 19.47 -0.69
N LYS C 271 -8.12 20.51 -1.00
CA LYS C 271 -7.51 21.77 -1.43
C LYS C 271 -6.73 22.41 -0.31
N ARG C 272 -7.26 22.39 0.92
CA ARG C 272 -6.58 23.05 2.02
C ARG C 272 -5.32 22.32 2.45
N PHE C 273 -5.14 21.06 2.04
CA PHE C 273 -3.97 20.27 2.43
C PHE C 273 -3.27 19.70 1.21
N THR C 274 -3.03 20.55 0.21
CA THR C 274 -2.19 20.22 -0.93
C THR C 274 -1.01 21.21 -0.96
N ASP C 275 -0.11 21.01 -1.92
CA ASP C 275 0.96 21.97 -2.12
C ASP C 275 1.39 21.95 -3.59
N TYR C 276 2.04 23.02 -4.01
CA TYR C 276 2.32 23.27 -5.41
C TYR C 276 3.80 23.53 -5.63
N ARG C 277 4.28 23.13 -6.80
CA ARG C 277 5.62 23.47 -7.26
C ARG C 277 5.51 24.18 -8.59
N SER C 278 6.10 25.37 -8.68
CA SER C 278 6.00 26.23 -9.86
C SER C 278 4.56 26.59 -10.19
N TYR C 279 3.65 26.42 -9.23
CA TYR C 279 2.24 26.75 -9.40
C TYR C 279 1.76 27.54 -8.19
N THR C 280 0.71 28.32 -8.40
CA THR C 280 0.07 29.03 -7.30
C THR C 280 -1.41 29.18 -7.63
N GLU C 281 -2.22 29.40 -6.59
CA GLU C 281 -3.66 29.44 -6.78
C GLU C 281 -4.08 30.53 -7.74
N THR C 282 -3.25 31.55 -7.96
CA THR C 282 -3.57 32.58 -8.95
C THR C 282 -3.58 32.04 -10.36
N ASP C 283 -2.87 30.94 -10.62
CA ASP C 283 -2.80 30.38 -11.97
C ASP C 283 -4.14 29.76 -12.36
N ASP C 284 -4.47 29.83 -13.65
CA ASP C 284 -5.77 29.37 -14.11
C ASP C 284 -5.91 27.86 -14.04
N ILE C 285 -4.82 27.13 -14.28
CA ILE C 285 -4.88 25.67 -14.27
C ILE C 285 -5.34 25.17 -12.90
N VAL C 286 -4.82 25.76 -11.83
CA VAL C 286 -5.14 25.27 -10.50
C VAL C 286 -6.63 25.46 -10.21
N ILE C 287 -7.16 26.65 -10.52
CA ILE C 287 -8.57 26.89 -10.20
C ILE C 287 -9.47 26.04 -11.08
N TRP C 288 -9.10 25.86 -12.35
CA TRP C 288 -9.86 24.95 -13.21
C TRP C 288 -9.87 23.55 -12.63
N PHE C 289 -8.71 23.08 -12.18
CA PHE C 289 -8.60 21.74 -11.64
C PHE C 289 -9.46 21.58 -10.39
N TRP C 290 -9.43 22.57 -9.50
CA TRP C 290 -10.20 22.43 -8.27
C TRP C 290 -11.69 22.54 -8.53
N GLU C 291 -12.10 23.37 -9.48
CA GLU C 291 -13.52 23.40 -9.83
C GLU C 291 -13.97 22.07 -10.43
N LEU C 292 -13.15 21.49 -11.31
CA LEU C 292 -13.50 20.20 -11.89
C LEU C 292 -13.61 19.14 -10.80
N LEU C 293 -12.69 19.15 -9.84
CA LEU C 293 -12.79 18.21 -8.73
C LEU C 293 -14.06 18.46 -7.92
N SER C 294 -14.46 19.72 -7.76
CA SER C 294 -15.69 20.01 -7.03
C SER C 294 -16.89 19.38 -7.73
N GLU C 295 -16.97 19.54 -9.05
CA GLU C 295 -18.10 18.96 -9.80
C GLU C 295 -17.69 17.65 -10.47
N TRP C 296 -17.52 16.62 -9.63
CA TRP C 296 -17.23 15.28 -10.12
C TRP C 296 -17.89 14.26 -9.21
N SER C 297 -18.20 13.10 -9.78
CA SER C 297 -18.83 12.02 -9.02
C SER C 297 -17.82 11.39 -8.06
N PRO C 298 -18.30 10.84 -6.94
CA PRO C 298 -17.35 10.25 -5.97
C PRO C 298 -16.50 9.13 -6.53
N GLU C 299 -17.07 8.30 -7.41
CA GLU C 299 -16.29 7.21 -7.99
C GLU C 299 -15.13 7.75 -8.82
N LYS C 300 -15.39 8.78 -9.63
CA LYS C 300 -14.32 9.31 -10.47
C LYS C 300 -13.27 10.03 -9.66
N LYS C 301 -13.67 10.74 -8.61
CA LYS C 301 -12.68 11.37 -7.72
C LYS C 301 -11.82 10.32 -7.04
N ALA C 302 -12.42 9.22 -6.58
CA ALA C 302 -11.64 8.15 -6.00
C ALA C 302 -10.69 7.55 -7.03
N LYS C 303 -11.15 7.40 -8.28
CA LYS C 303 -10.29 6.90 -9.33
C LYS C 303 -9.08 7.81 -9.53
N LEU C 304 -9.31 9.13 -9.56
CA LEU C 304 -8.21 10.06 -9.71
C LEU C 304 -7.26 10.01 -8.54
N LEU C 305 -7.79 9.88 -7.32
CA LEU C 305 -6.92 9.78 -6.15
C LEU C 305 -6.06 8.53 -6.23
N GLN C 306 -6.64 7.41 -6.63
CA GLN C 306 -5.85 6.19 -6.78
C GLN C 306 -4.81 6.34 -7.87
N PHE C 307 -5.18 7.01 -8.97
CA PHE C 307 -4.24 7.21 -10.07
C PHE C 307 -3.07 8.09 -9.66
N ALA C 308 -3.32 9.11 -8.85
CA ALA C 308 -2.25 10.03 -8.45
C ALA C 308 -1.42 9.46 -7.31
N THR C 309 -2.05 9.23 -6.16
CA THR C 309 -1.30 8.82 -4.97
C THR C 309 -0.91 7.35 -4.99
N GLY C 310 -1.75 6.49 -5.56
CA GLY C 310 -1.49 5.06 -5.57
C GLY C 310 -2.40 4.24 -4.68
N THR C 311 -3.37 4.86 -4.02
CA THR C 311 -4.33 4.13 -3.20
C THR C 311 -5.59 4.98 -3.07
N SER C 312 -6.69 4.32 -2.76
CA SER C 312 -7.98 4.99 -2.60
C SER C 312 -8.38 5.19 -1.16
N ARG C 313 -7.54 4.79 -0.20
CA ARG C 313 -7.84 4.91 1.21
C ARG C 313 -7.01 6.04 1.81
N LEU C 314 -7.68 7.03 2.37
CA LEU C 314 -7.02 8.15 3.01
C LEU C 314 -6.64 7.83 4.45
N PRO C 315 -5.69 8.57 5.02
CA PRO C 315 -5.36 8.38 6.43
C PRO C 315 -6.55 8.73 7.31
N LEU C 316 -6.39 8.45 8.61
CA LEU C 316 -7.50 8.63 9.53
C LEU C 316 -7.90 10.09 9.63
N SER C 317 -6.93 11.00 9.64
CA SER C 317 -7.18 12.43 9.86
C SER C 317 -7.13 13.22 8.56
N GLY C 318 -7.62 12.65 7.48
CA GLY C 318 -7.67 13.37 6.22
C GLY C 318 -6.32 13.47 5.54
N PHE C 319 -6.21 14.46 4.64
CA PHE C 319 -5.00 14.63 3.85
C PHE C 319 -3.81 15.15 4.64
N LYS C 320 -4.01 15.56 5.89
CA LYS C 320 -2.91 16.15 6.64
C LYS C 320 -1.78 15.15 6.85
N ASP C 321 -2.11 13.95 7.34
CA ASP C 321 -1.09 12.95 7.63
C ASP C 321 -0.94 11.97 6.47
N MET C 322 -0.62 12.53 5.30
CA MET C 322 -0.47 11.73 4.08
C MET C 322 1.00 11.34 3.93
N HIS C 323 1.29 10.05 4.06
CA HIS C 323 2.65 9.55 4.02
C HIS C 323 3.06 9.19 2.59
N GLY C 324 4.33 8.83 2.44
CA GLY C 324 4.88 8.37 1.19
C GLY C 324 5.71 7.12 1.39
N SER C 325 6.67 6.93 0.49
CA SER C 325 7.54 5.75 0.60
C SER C 325 8.52 5.89 1.75
N ASP C 326 9.15 7.05 1.89
CA ASP C 326 10.17 7.27 2.92
C ASP C 326 9.57 7.91 4.17
N GLY C 327 8.99 9.11 4.02
CA GLY C 327 8.41 9.82 5.14
C GLY C 327 7.15 10.55 4.73
N PRO C 328 6.74 11.54 5.52
CA PRO C 328 5.55 12.32 5.15
C PRO C 328 5.75 13.04 3.83
N ARG C 329 4.69 13.06 3.03
CA ARG C 329 4.74 13.74 1.74
C ARG C 329 3.31 14.06 1.33
N LYS C 330 2.95 15.34 1.37
CA LYS C 330 1.57 15.74 1.10
C LYS C 330 1.31 15.77 -0.41
N PHE C 331 0.03 15.77 -0.75
CA PHE C 331 -0.38 15.79 -2.15
C PHE C 331 0.21 17.00 -2.85
N THR C 332 0.84 16.78 -4.00
CA THR C 332 1.62 17.80 -4.68
C THR C 332 1.21 17.91 -6.13
N ILE C 333 1.08 19.15 -6.61
CA ILE C 333 0.80 19.43 -8.01
C ILE C 333 1.95 20.24 -8.57
N GLU C 334 2.44 19.83 -9.74
CA GLU C 334 3.63 20.44 -10.33
C GLU C 334 3.34 20.83 -11.78
N LYS C 335 4.04 21.87 -12.24
CA LYS C 335 3.94 22.32 -13.63
C LYS C 335 5.12 21.73 -14.40
N VAL C 336 4.97 20.47 -14.80
CA VAL C 336 5.94 19.78 -15.64
C VAL C 336 5.18 19.00 -16.70
N GLY C 337 5.57 19.17 -17.96
CA GLY C 337 4.95 18.44 -19.03
C GLY C 337 4.75 19.26 -20.29
N HIS C 338 4.95 18.64 -21.44
CA HIS C 338 4.72 19.29 -22.71
C HIS C 338 3.22 19.48 -22.94
N ILE C 339 2.89 20.38 -23.87
CA ILE C 339 1.49 20.75 -24.06
C ILE C 339 0.68 19.55 -24.53
N SER C 340 1.20 18.81 -25.50
CA SER C 340 0.42 17.71 -26.09
C SER C 340 0.39 16.48 -25.19
N GLN C 341 1.41 16.27 -24.37
CA GLN C 341 1.47 15.06 -23.55
C GLN C 341 0.37 15.06 -22.51
N LEU C 342 -0.09 13.87 -22.16
CA LEU C 342 -1.16 13.71 -21.19
C LEU C 342 -0.65 14.00 -19.78
N PRO C 343 -1.56 14.32 -18.85
CA PRO C 343 -1.13 14.52 -17.46
C PRO C 343 -0.46 13.27 -16.92
N LYS C 344 0.60 13.47 -16.13
CA LYS C 344 1.40 12.37 -15.62
C LYS C 344 1.26 12.28 -14.11
N ALA C 345 1.48 11.08 -13.59
CA ALA C 345 1.33 10.79 -12.17
C ALA C 345 2.63 10.21 -11.64
N HIS C 346 2.85 10.41 -10.34
CA HIS C 346 4.00 9.84 -9.63
C HIS C 346 3.48 9.36 -8.29
N THR C 347 3.28 8.04 -8.18
CA THR C 347 2.54 7.48 -7.06
C THR C 347 3.36 7.53 -5.77
N CYS C 348 4.63 7.15 -5.83
CA CYS C 348 5.42 7.07 -4.61
C CYS C 348 5.75 8.44 -4.03
N PHE C 349 5.47 9.52 -4.77
CA PHE C 349 5.70 10.87 -4.29
C PHE C 349 4.40 11.65 -4.12
N ASN C 350 3.26 11.04 -4.41
CA ASN C 350 1.95 11.72 -4.36
C ASN C 350 1.95 12.97 -5.23
N ARG C 351 2.51 12.85 -6.43
CA ARG C 351 2.74 14.00 -7.30
C ARG C 351 1.92 13.89 -8.57
N LEU C 352 1.39 15.02 -9.03
CA LEU C 352 0.63 15.08 -10.27
C LEU C 352 1.20 16.20 -11.12
N ASP C 353 1.69 15.86 -12.30
CA ASP C 353 2.24 16.83 -13.24
C ASP C 353 1.19 17.11 -14.31
N ILE C 354 0.73 18.34 -14.38
CA ILE C 354 -0.36 18.74 -15.29
C ILE C 354 0.22 19.71 -16.31
N PRO C 355 0.12 19.42 -17.61
CA PRO C 355 0.60 20.39 -18.60
C PRO C 355 -0.25 21.64 -18.59
N PRO C 356 0.33 22.80 -18.94
CA PRO C 356 -0.46 24.05 -18.98
C PRO C 356 -1.37 24.14 -20.20
N TYR C 357 -2.54 23.50 -20.10
CA TYR C 357 -3.51 23.56 -21.17
C TYR C 357 -4.16 24.95 -21.22
N ASN C 358 -4.66 25.30 -22.40
CA ASN C 358 -5.23 26.61 -22.64
C ASN C 358 -6.74 26.66 -22.47
N SER C 359 -7.38 25.55 -22.11
CA SER C 359 -8.82 25.52 -21.93
C SER C 359 -9.19 24.53 -20.83
N LYS C 360 -10.17 24.89 -20.01
CA LYS C 360 -10.60 24.00 -18.95
C LYS C 360 -11.16 22.71 -19.51
N GLU C 361 -11.95 22.80 -20.59
CA GLU C 361 -12.54 21.61 -21.18
C GLU C 361 -11.46 20.65 -21.69
N GLU C 362 -10.43 21.20 -22.33
CA GLU C 362 -9.31 20.37 -22.74
C GLU C 362 -8.65 19.71 -21.54
N LEU C 363 -8.50 20.44 -20.44
CA LEU C 363 -7.90 19.85 -19.25
C LEU C 363 -8.73 18.69 -18.74
N GLU C 364 -10.05 18.85 -18.69
CA GLU C 364 -10.89 17.77 -18.22
C GLU C 364 -10.80 16.57 -19.15
N GLN C 365 -10.81 16.80 -20.46
CA GLN C 365 -10.73 15.70 -21.41
C GLN C 365 -9.42 14.93 -21.24
N LYS C 366 -8.30 15.64 -21.17
CA LYS C 366 -7.02 14.98 -21.01
C LYS C 366 -6.95 14.22 -19.69
N LEU C 367 -7.45 14.82 -18.61
CA LEU C 367 -7.40 14.14 -17.32
C LEU C 367 -8.24 12.88 -17.32
N THR C 368 -9.45 12.94 -17.89
CA THR C 368 -10.28 11.76 -17.95
C THR C 368 -9.62 10.68 -18.79
N ILE C 369 -9.03 11.06 -19.93
CA ILE C 369 -8.37 10.05 -20.77
C ILE C 369 -7.21 9.41 -20.03
N ALA C 370 -6.46 10.21 -19.27
CA ALA C 370 -5.33 9.66 -18.52
C ALA C 370 -5.79 8.73 -17.40
N ILE C 371 -6.95 8.99 -16.81
CA ILE C 371 -7.45 8.15 -15.71
C ILE C 371 -8.46 7.11 -16.18
N GLN C 372 -8.60 6.91 -17.49
CA GLN C 372 -9.60 5.96 -17.97
C GLN C 372 -9.33 4.55 -17.47
N GLU C 373 -8.07 4.12 -17.47
CA GLU C 373 -7.76 2.75 -17.11
C GLU C 373 -7.76 2.51 -15.60
N THR C 374 -7.87 3.56 -14.79
CA THR C 374 -7.86 3.41 -13.34
C THR C 374 -9.22 2.98 -12.84
N ALA C 375 -9.23 2.02 -11.91
CA ALA C 375 -10.45 1.52 -11.29
C ALA C 375 -10.44 1.87 -9.82
N GLY C 376 -11.50 2.52 -9.35
CA GLY C 376 -11.59 2.94 -7.96
C GLY C 376 -12.81 2.33 -7.29
N PHE C 377 -12.67 2.05 -6.00
CA PHE C 377 -13.74 1.43 -5.22
C PHE C 377 -14.22 0.15 -5.88
N01 A1AIV D . 7.89 5.42 -8.48
C02 A1AIV D . 8.34 4.86 -7.22
C03 A1AIV D . 9.11 5.83 -6.32
C04 A1AIV D . 9.48 5.23 -4.99
C05 A1AIV D . 10.05 6.32 -4.08
N06 A1AIV D . 10.47 7.13 -3.41
#